data_4C2P
#
_entry.id   4C2P
#
_cell.length_a   57.140
_cell.length_b   84.650
_cell.length_c   135.180
_cell.angle_alpha   90.00
_cell.angle_beta   90.00
_cell.angle_gamma   90.00
#
_symmetry.space_group_name_H-M   'P 21 21 21'
#
loop_
_entity.id
_entity.type
_entity.pdbx_description
1 polymer 'ANGIOTENSIN-CONVERTING ENZYME'
2 branched beta-D-mannopyranose-(1-4)-2-acetamido-2-deoxy-beta-D-glucopyranose-(1-4)-[alpha-L-fucopyranose-(1-6)]2-acetamido-2-deoxy-beta-D-glucopyranose
3 non-polymer 'ZINC ION'
4 non-polymer 'CHLORIDE ION'
5 non-polymer L-CAPTOPRIL
6 non-polymer 'ACETATE ION'
7 non-polymer GLYCEROL
8 water water
#
_entity_poly.entity_id   1
_entity_poly.type   'polypeptide(L)'
_entity_poly.pdbx_seq_one_letter_code
;LVTDEAEASKFVEEYDRTSQVVWNEYAEANWNYNTNITTETSKILLQKNMQIANHTLKYGTQARKFDVNQLQNTTIKRII
KKVQDLERAALPAQELEEYNKILLDMETTYSVATVCHPNGSCLQLEPDLTNVMATSRKYEDLLWAWEGWRDKAGRAILQF
YPKYVELINQAARLNGYVDAGDSWRSMYETPSLEQDLERLFQELQPLYLNLHAYVRRALHRHYGAQHINLEGPIPAHLLG
NMWAQTWSNIYDLVVPFPSAPSMDTTEAMLKQGWTPRRMFKEADDFFTSLGLLPVPPEFWNKSMLEKPTDGREVVCHASA
WDFYNGKDFRIKQCTTVNLEDLVVAHHEMGHIQYFMQYKDLPVALREGANPGFHEAIGDVLALSVSTPKHLHSLNLLSSE
GGSDEHDINFLMKMALDKIAFIPFSYLVDQWRWRVFDGSITKENYNQEWWSLRLKYQGLCPPVPRTQGDFDPGAKFHIPS
SVPYIKYFVSFIIQFQFHEALCQAAGHTGPLHKCDIYQSKEAGQRLATAMKLGFSRPWPEAMQLITGQPNMSASAMLSYF
KPLLDWLRTENELHGEKLGWPQYNWTPNS
;
_entity_poly.pdbx_strand_id   A
#
# COMPACT_ATOMS: atom_id res chain seq x y z
N ASP A 4 22.52 -1.18 -35.40
CA ASP A 4 22.17 0.16 -35.95
C ASP A 4 21.03 0.81 -35.16
N GLU A 5 20.95 2.13 -35.24
CA GLU A 5 19.93 2.91 -34.54
C GLU A 5 18.52 2.64 -35.08
N ALA A 6 18.44 2.37 -36.39
CA ALA A 6 17.15 2.12 -37.05
C ALA A 6 16.54 0.77 -36.66
N GLU A 7 17.38 -0.24 -36.47
CA GLU A 7 16.93 -1.58 -36.09
C GLU A 7 16.36 -1.61 -34.67
N ALA A 8 16.90 -0.76 -33.80
CA ALA A 8 16.44 -0.64 -32.42
C ALA A 8 15.06 0.00 -32.33
N SER A 9 14.84 1.02 -33.16
CA SER A 9 13.54 1.71 -33.22
C SER A 9 12.45 0.80 -33.75
N LYS A 10 12.78 0.01 -34.78
CA LYS A 10 11.87 -0.97 -35.36
C LYS A 10 11.46 -2.02 -34.33
N PHE A 11 12.44 -2.55 -33.60
CA PHE A 11 12.20 -3.53 -32.56
C PHE A 11 11.22 -3.01 -31.51
N VAL A 12 11.44 -1.77 -31.05
CA VAL A 12 10.59 -1.14 -30.04
C VAL A 12 9.15 -0.94 -30.53
N GLU A 13 9.01 -0.58 -31.80
CA GLU A 13 7.70 -0.45 -32.44
C GLU A 13 6.97 -1.80 -32.51
N GLU A 14 7.71 -2.85 -32.87
CA GLU A 14 7.13 -4.20 -32.95
C GLU A 14 6.77 -4.73 -31.57
N TYR A 15 7.64 -4.48 -30.59
CA TYR A 15 7.37 -4.84 -29.21
C TYR A 15 6.07 -4.19 -28.71
N ASP A 16 5.94 -2.88 -28.90
CA ASP A 16 4.75 -2.13 -28.46
C ASP A 16 3.45 -2.68 -29.05
N ARG A 17 3.44 -2.91 -30.38
CA ARG A 17 2.27 -3.45 -31.08
C ARG A 17 1.80 -4.78 -30.54
N THR A 18 2.74 -5.72 -30.40
CA THR A 18 2.43 -7.09 -29.98
C THR A 18 2.14 -7.17 -28.49
N SER A 19 2.82 -6.34 -27.69
CA SER A 19 2.59 -6.25 -26.25
C SER A 19 1.16 -5.81 -25.91
N GLN A 20 0.66 -4.81 -26.63
CA GLN A 20 -0.71 -4.31 -26.44
C GLN A 20 -1.74 -5.43 -26.51
N VAL A 21 -1.63 -6.28 -27.53
CA VAL A 21 -2.55 -7.38 -27.76
C VAL A 21 -2.48 -8.43 -26.65
N VAL A 22 -1.26 -8.90 -26.35
CA VAL A 22 -1.04 -9.97 -25.37
C VAL A 22 -1.38 -9.52 -23.94
N TRP A 23 -0.94 -8.33 -23.56
CA TRP A 23 -1.18 -7.79 -22.22
C TRP A 23 -2.67 -7.51 -21.96
N ASN A 24 -3.38 -7.10 -23.01
CA ASN A 24 -4.84 -6.95 -22.95
C ASN A 24 -5.55 -8.28 -22.67
N GLU A 25 -5.08 -9.33 -23.35
CA GLU A 25 -5.63 -10.67 -23.18
C GLU A 25 -5.37 -11.23 -21.79
N TYR A 26 -4.18 -10.98 -21.25
CA TYR A 26 -3.83 -11.45 -19.90
C TYR A 26 -4.64 -10.73 -18.82
N ALA A 27 -4.84 -9.43 -19.01
CA ALA A 27 -5.56 -8.59 -18.06
C ALA A 27 -6.99 -9.08 -17.81
N GLU A 28 -7.67 -9.50 -18.89
CA GLU A 28 -9.02 -10.06 -18.81
C GLU A 28 -9.06 -11.40 -18.06
N ALA A 29 -8.07 -12.26 -18.33
CA ALA A 29 -7.96 -13.57 -17.69
C ALA A 29 -7.61 -13.46 -16.21
N ASN A 30 -6.78 -12.48 -15.87
CA ASN A 30 -6.40 -12.21 -14.48
C ASN A 30 -7.55 -11.59 -13.69
N TRP A 31 -8.35 -10.79 -14.39
CA TRP A 31 -9.55 -10.18 -13.82
C TRP A 31 -10.53 -11.25 -13.32
N ASN A 32 -10.76 -12.26 -14.16
CA ASN A 32 -11.75 -13.30 -13.89
C ASN A 32 -11.44 -14.18 -12.67
N TYR A 33 -10.18 -14.60 -12.53
CA TYR A 33 -9.77 -15.33 -11.33
C TYR A 33 -9.93 -14.49 -10.06
N ASN A 34 -9.58 -13.20 -10.15
CA ASN A 34 -9.71 -12.28 -9.02
C ASN A 34 -11.15 -11.96 -8.64
N THR A 35 -12.04 -11.97 -9.64
CA THR A 35 -13.46 -11.69 -9.44
C THR A 35 -14.33 -12.94 -9.18
N ASN A 36 -13.76 -14.10 -9.48
N ASN A 36 -13.79 -14.12 -9.50
CA ASN A 36 -14.42 -15.39 -9.28
CA ASN A 36 -14.47 -15.38 -9.18
C ASN A 36 -13.42 -16.54 -9.20
C ASN A 36 -13.51 -16.57 -9.16
N ILE A 37 -12.96 -16.84 -7.98
CA ILE A 37 -11.99 -17.93 -7.76
C ILE A 37 -12.64 -19.31 -7.90
N THR A 38 -12.37 -19.96 -9.03
CA THR A 38 -12.83 -21.33 -9.28
C THR A 38 -11.67 -22.18 -9.79
N THR A 39 -11.95 -23.45 -10.11
CA THR A 39 -10.95 -24.35 -10.68
C THR A 39 -10.73 -24.09 -12.18
N GLU A 40 -11.79 -23.72 -12.89
CA GLU A 40 -11.71 -23.43 -14.32
C GLU A 40 -10.92 -22.14 -14.57
N THR A 41 -11.26 -21.08 -13.85
CA THR A 41 -10.62 -19.78 -14.02
C THR A 41 -9.15 -19.78 -13.61
N SER A 42 -8.81 -20.62 -12.63
CA SER A 42 -7.43 -20.81 -12.23
C SER A 42 -6.59 -21.46 -13.34
N LYS A 43 -7.21 -22.35 -14.10
CA LYS A 43 -6.56 -23.04 -15.22
C LYS A 43 -6.31 -22.10 -16.41
N ILE A 44 -7.35 -21.38 -16.83
CA ILE A 44 -7.27 -20.45 -17.97
C ILE A 44 -6.30 -19.29 -17.70
N LEU A 45 -6.20 -18.90 -16.43
CA LEU A 45 -5.21 -17.89 -16.01
C LEU A 45 -3.79 -18.40 -16.20
N LEU A 46 -3.56 -19.67 -15.85
CA LEU A 46 -2.26 -20.32 -16.00
C LEU A 46 -1.90 -20.57 -17.46
N GLN A 47 -2.92 -20.72 -18.31
CA GLN A 47 -2.73 -20.92 -19.75
C GLN A 47 -2.39 -19.61 -20.44
N LYS A 48 -3.06 -18.53 -20.05
CA LYS A 48 -2.76 -17.19 -20.54
C LYS A 48 -1.47 -16.66 -19.93
N ASN A 49 -1.06 -17.27 -18.81
CA ASN A 49 0.19 -16.94 -18.13
C ASN A 49 1.40 -17.40 -18.94
N MET A 50 1.29 -18.59 -19.52
CA MET A 50 2.34 -19.14 -20.38
C MET A 50 2.39 -18.43 -21.73
N GLN A 51 1.26 -17.88 -22.15
CA GLN A 51 1.16 -17.12 -23.39
C GLN A 51 1.93 -15.80 -23.29
N ILE A 52 1.72 -15.07 -22.19
CA ILE A 52 2.44 -13.81 -21.95
C ILE A 52 3.94 -14.07 -21.71
N ALA A 53 4.26 -15.20 -21.07
CA ALA A 53 5.65 -15.62 -20.86
C ALA A 53 6.33 -15.93 -22.19
N ASN A 54 5.57 -16.55 -23.10
CA ASN A 54 6.03 -16.84 -24.46
C ASN A 54 6.43 -15.57 -25.20
N HIS A 55 5.58 -14.54 -25.11
CA HIS A 55 5.87 -13.25 -25.71
C HIS A 55 7.07 -12.58 -25.04
N THR A 56 7.06 -12.56 -23.71
CA THR A 56 8.15 -11.96 -22.93
C THR A 56 9.51 -12.57 -23.27
N LEU A 57 9.55 -13.90 -23.37
CA LEU A 57 10.77 -14.62 -23.74
C LEU A 57 11.23 -14.27 -25.16
N LYS A 58 10.30 -14.26 -26.11
CA LYS A 58 10.62 -13.95 -27.50
C LYS A 58 11.27 -12.56 -27.62
N TYR A 59 10.59 -11.55 -27.12
CA TYR A 59 11.08 -10.18 -27.25
C TYR A 59 12.22 -9.85 -26.28
N GLY A 60 12.23 -10.49 -25.13
CA GLY A 60 13.31 -10.35 -24.16
C GLY A 60 14.65 -10.81 -24.72
N THR A 61 14.64 -11.98 -25.38
CA THR A 61 15.83 -12.56 -26.02
C THR A 61 16.35 -11.65 -27.14
N GLN A 62 15.43 -11.10 -27.94
CA GLN A 62 15.77 -10.14 -29.00
C GLN A 62 16.41 -8.87 -28.44
N ALA A 63 15.83 -8.35 -27.35
CA ALA A 63 16.29 -7.11 -26.72
C ALA A 63 17.71 -7.23 -26.18
N ARG A 64 18.07 -8.43 -25.71
CA ARG A 64 19.39 -8.71 -25.15
C ARG A 64 20.49 -8.77 -26.19
N LYS A 65 20.11 -8.82 -27.47
CA LYS A 65 21.07 -8.81 -28.57
C LYS A 65 21.52 -7.38 -28.90
N PHE A 66 20.78 -6.40 -28.39
CA PHE A 66 21.12 -4.99 -28.57
C PHE A 66 22.10 -4.51 -27.51
N ASP A 67 23.18 -3.88 -27.95
CA ASP A 67 24.12 -3.22 -27.05
C ASP A 67 23.49 -1.90 -26.60
N VAL A 68 22.98 -1.91 -25.37
CA VAL A 68 22.19 -0.80 -24.83
C VAL A 68 22.95 0.52 -24.79
N ASN A 69 24.13 0.51 -24.18
CA ASN A 69 24.90 1.74 -23.98
C ASN A 69 25.52 2.34 -25.24
N GLN A 70 25.55 1.56 -26.31
CA GLN A 70 26.00 2.04 -27.62
C GLN A 70 24.82 2.44 -28.51
N LEU A 71 23.77 2.97 -27.89
CA LEU A 71 22.56 3.37 -28.58
C LEU A 71 22.29 4.85 -28.33
N GLN A 72 22.02 5.60 -29.41
CA GLN A 72 21.94 7.06 -29.35
C GLN A 72 20.69 7.58 -28.63
N ASN A 73 19.52 7.23 -29.15
CA ASN A 73 18.24 7.69 -28.60
C ASN A 73 18.01 7.15 -27.18
N THR A 74 17.69 8.04 -26.25
CA THR A 74 17.56 7.69 -24.84
C THR A 74 16.23 7.01 -24.50
N THR A 75 15.18 7.34 -25.23
CA THR A 75 13.85 6.74 -25.04
C THR A 75 13.86 5.27 -25.47
N ILE A 76 14.44 5.01 -26.65
CA ILE A 76 14.60 3.65 -27.18
C ILE A 76 15.55 2.84 -26.31
N LYS A 77 16.67 3.44 -25.93
CA LYS A 77 17.66 2.82 -25.05
C LYS A 77 17.03 2.33 -23.75
N ARG A 78 16.17 3.17 -23.17
CA ARG A 78 15.48 2.90 -21.92
C ARG A 78 14.48 1.75 -22.02
N ILE A 79 13.75 1.69 -23.13
CA ILE A 79 12.74 0.65 -23.35
C ILE A 79 13.38 -0.73 -23.52
N ILE A 80 14.37 -0.81 -24.41
CA ILE A 80 15.11 -2.05 -24.67
C ILE A 80 15.76 -2.58 -23.39
N LYS A 81 16.27 -1.66 -22.57
CA LYS A 81 16.89 -2.01 -21.30
C LYS A 81 15.89 -2.70 -20.36
N LYS A 82 14.65 -2.23 -20.36
CA LYS A 82 13.59 -2.81 -19.54
C LYS A 82 13.08 -4.16 -20.09
N VAL A 83 12.98 -4.26 -21.41
CA VAL A 83 12.56 -5.50 -22.08
C VAL A 83 13.59 -6.62 -21.89
N GLN A 84 14.85 -6.24 -21.67
CA GLN A 84 15.91 -7.20 -21.36
C GLN A 84 15.69 -7.94 -20.03
N ASP A 85 14.89 -7.35 -19.14
CA ASP A 85 14.47 -8.00 -17.91
C ASP A 85 13.21 -8.83 -18.16
N LEU A 86 13.40 -10.14 -18.31
CA LEU A 86 12.30 -11.07 -18.58
C LEU A 86 11.47 -11.39 -17.34
N GLU A 87 12.01 -11.07 -16.17
CA GLU A 87 11.41 -11.46 -14.88
C GLU A 87 11.23 -12.98 -14.80
N ARG A 88 10.03 -13.46 -14.47
CA ARG A 88 9.78 -14.90 -14.31
C ARG A 88 9.98 -15.72 -15.59
N ALA A 89 9.79 -15.07 -16.74
CA ALA A 89 9.91 -15.74 -18.04
C ALA A 89 11.35 -16.17 -18.36
N ALA A 90 12.29 -15.78 -17.50
CA ALA A 90 13.68 -16.21 -17.61
C ALA A 90 13.90 -17.62 -17.08
N LEU A 91 12.99 -18.08 -16.22
CA LEU A 91 13.06 -19.44 -15.65
C LEU A 91 12.90 -20.51 -16.74
N PRO A 92 13.61 -21.64 -16.61
CA PRO A 92 13.33 -22.79 -17.49
C PRO A 92 11.89 -23.26 -17.29
N ALA A 93 11.34 -23.93 -18.31
CA ALA A 93 9.92 -24.29 -18.34
C ALA A 93 9.39 -24.94 -17.05
N GLN A 94 10.16 -25.86 -16.48
CA GLN A 94 9.73 -26.58 -15.28
C GLN A 94 9.66 -25.67 -14.05
N GLU A 95 10.66 -24.81 -13.87
CA GLU A 95 10.69 -23.85 -12.77
C GLU A 95 9.60 -22.80 -12.91
N LEU A 96 9.35 -22.35 -14.14
CA LEU A 96 8.30 -21.37 -14.41
C LEU A 96 6.91 -21.90 -14.06
N GLU A 97 6.67 -23.16 -14.42
CA GLU A 97 5.42 -23.86 -14.09
C GLU A 97 5.24 -23.97 -12.58
N GLU A 98 6.29 -24.39 -11.88
CA GLU A 98 6.26 -24.50 -10.43
C GLU A 98 6.05 -23.15 -9.75
N TYR A 99 6.74 -22.12 -10.24
CA TYR A 99 6.65 -20.77 -9.68
C TYR A 99 5.25 -20.19 -9.83
N ASN A 100 4.66 -20.35 -11.03
CA ASN A 100 3.29 -19.88 -11.27
C ASN A 100 2.28 -20.61 -10.38
N LYS A 101 2.51 -21.90 -10.17
CA LYS A 101 1.68 -22.74 -9.30
C LYS A 101 1.75 -22.28 -7.83
N ILE A 102 2.96 -22.00 -7.35
CA ILE A 102 3.19 -21.55 -5.98
C ILE A 102 2.49 -20.23 -5.68
N LEU A 103 2.65 -19.25 -6.56
CA LEU A 103 2.03 -17.95 -6.39
C LEU A 103 0.51 -18.08 -6.31
N LEU A 104 -0.05 -18.90 -7.18
CA LEU A 104 -1.49 -19.14 -7.20
C LEU A 104 -1.93 -19.85 -5.92
N ASP A 105 -1.15 -20.84 -5.48
CA ASP A 105 -1.42 -21.58 -4.26
C ASP A 105 -1.39 -20.70 -3.01
N MET A 106 -0.40 -19.81 -2.92
CA MET A 106 -0.28 -18.90 -1.79
C MET A 106 -1.44 -17.91 -1.74
N GLU A 107 -1.75 -17.29 -2.88
CA GLU A 107 -2.86 -16.34 -2.98
C GLU A 107 -4.21 -16.97 -2.65
N THR A 108 -4.46 -18.18 -3.15
CA THR A 108 -5.71 -18.89 -2.89
C THR A 108 -5.84 -19.22 -1.40
N THR A 109 -4.77 -19.78 -0.83
CA THR A 109 -4.71 -20.10 0.60
C THR A 109 -5.06 -18.87 1.45
N TYR A 110 -4.45 -17.74 1.14
CA TYR A 110 -4.74 -16.48 1.84
C TYR A 110 -6.21 -16.09 1.66
N SER A 111 -6.71 -16.19 0.44
CA SER A 111 -8.05 -15.71 0.09
C SER A 111 -9.19 -16.51 0.72
N VAL A 112 -8.99 -17.81 0.92
CA VAL A 112 -10.06 -18.70 1.41
C VAL A 112 -9.95 -19.08 2.89
N ALA A 113 -8.90 -18.61 3.56
CA ALA A 113 -8.69 -18.90 4.98
C ALA A 113 -9.82 -18.31 5.84
N THR A 114 -10.31 -19.11 6.77
CA THR A 114 -11.34 -18.67 7.72
C THR A 114 -10.94 -19.02 9.15
N VAL A 115 -11.54 -18.31 10.11
CA VAL A 115 -11.33 -18.58 11.53
C VAL A 115 -12.67 -18.92 12.14
N CYS A 116 -12.78 -20.11 12.72
CA CYS A 116 -14.06 -20.64 13.18
C CYS A 116 -14.12 -20.87 14.68
N HIS A 117 -15.27 -20.54 15.25
CA HIS A 117 -15.62 -21.01 16.58
C HIS A 117 -16.08 -22.47 16.46
N PRO A 118 -15.66 -23.34 17.41
CA PRO A 118 -16.06 -24.74 17.36
C PRO A 118 -17.58 -24.89 17.44
N ASN A 119 -18.23 -23.87 18.02
CA ASN A 119 -19.69 -23.76 18.06
C ASN A 119 -20.31 -23.85 16.67
N GLY A 120 -19.74 -23.13 15.70
CA GLY A 120 -20.20 -23.19 14.32
C GLY A 120 -19.67 -22.12 13.39
N SER A 121 -19.86 -20.86 13.78
CA SER A 121 -19.63 -19.71 12.89
C SER A 121 -18.17 -19.52 12.45
N CYS A 122 -17.97 -19.41 11.13
CA CYS A 122 -16.65 -19.18 10.53
C CYS A 122 -16.52 -17.76 9.99
N LEU A 123 -15.39 -17.12 10.28
CA LEU A 123 -15.19 -15.72 9.93
C LEU A 123 -14.11 -15.55 8.86
N GLN A 124 -14.41 -14.72 7.87
CA GLN A 124 -13.43 -14.32 6.85
C GLN A 124 -12.69 -13.09 7.34
N LEU A 125 -11.54 -12.78 6.73
CA LEU A 125 -10.79 -11.57 7.08
C LEU A 125 -11.64 -10.32 6.86
N GLU A 126 -12.24 -10.22 5.67
CA GLU A 126 -13.06 -9.08 5.31
C GLU A 126 -14.50 -9.51 5.03
N PRO A 127 -15.47 -8.88 5.71
CA PRO A 127 -15.26 -7.83 6.69
C PRO A 127 -15.17 -8.33 8.14
N ASP A 128 -15.45 -9.62 8.36
CA ASP A 128 -15.68 -10.18 9.70
C ASP A 128 -14.57 -9.92 10.72
N LEU A 129 -13.36 -10.41 10.44
CA LEU A 129 -12.23 -10.27 11.36
C LEU A 129 -11.75 -8.82 11.46
N THR A 130 -11.76 -8.12 10.33
CA THR A 130 -11.45 -6.69 10.27
C THR A 130 -12.36 -5.90 11.21
N ASN A 131 -13.67 -6.19 11.16
CA ASN A 131 -14.65 -5.55 12.04
C ASN A 131 -14.38 -5.81 13.52
N VAL A 132 -14.01 -7.05 13.86
CA VAL A 132 -13.67 -7.40 15.24
C VAL A 132 -12.47 -6.55 15.69
N MET A 133 -11.39 -6.57 14.91
CA MET A 133 -10.20 -5.80 15.22
C MET A 133 -10.51 -4.31 15.42
N ALA A 134 -11.43 -3.78 14.60
CA ALA A 134 -11.76 -2.34 14.64
C ALA A 134 -12.66 -1.91 15.81
N THR A 135 -13.60 -2.77 16.19
CA THR A 135 -14.66 -2.37 17.13
C THR A 135 -14.54 -2.96 18.54
N SER A 136 -14.01 -4.18 18.66
CA SER A 136 -13.91 -4.83 19.97
C SER A 136 -12.98 -4.08 20.92
N ARG A 137 -13.42 -3.91 22.17
CA ARG A 137 -12.57 -3.32 23.20
C ARG A 137 -12.31 -4.34 24.32
N LYS A 138 -12.41 -5.61 23.96
CA LYS A 138 -12.17 -6.71 24.89
C LYS A 138 -10.90 -7.44 24.51
N TYR A 139 -9.93 -7.47 25.42
CA TYR A 139 -8.61 -8.03 25.19
C TYR A 139 -8.64 -9.45 24.61
N GLU A 140 -9.48 -10.32 25.20
CA GLU A 140 -9.53 -11.73 24.79
C GLU A 140 -10.18 -11.92 23.42
N ASP A 141 -11.17 -11.09 23.10
CA ASP A 141 -11.86 -11.18 21.81
C ASP A 141 -10.96 -10.68 20.67
N LEU A 142 -10.23 -9.61 20.92
CA LEU A 142 -9.21 -9.13 20.00
C LEU A 142 -8.13 -10.20 19.80
N LEU A 143 -7.74 -10.85 20.89
CA LEU A 143 -6.72 -11.90 20.83
C LEU A 143 -7.17 -13.07 19.95
N TRP A 144 -8.43 -13.48 20.10
CA TRP A 144 -9.00 -14.59 19.34
C TRP A 144 -8.88 -14.36 17.82
N ALA A 145 -9.21 -13.14 17.38
CA ALA A 145 -9.14 -12.79 15.97
C ALA A 145 -7.69 -12.63 15.50
N TRP A 146 -6.88 -11.99 16.33
CA TRP A 146 -5.47 -11.74 16.01
C TRP A 146 -4.71 -13.06 15.85
N GLU A 147 -4.80 -13.91 16.87
CA GLU A 147 -4.15 -15.22 16.87
C GLU A 147 -4.76 -16.15 15.83
N GLY A 148 -6.09 -16.17 15.77
CA GLY A 148 -6.84 -17.02 14.84
C GLY A 148 -6.44 -16.82 13.39
N TRP A 149 -6.36 -15.55 12.98
CA TRP A 149 -5.99 -15.23 11.60
C TRP A 149 -4.57 -15.68 11.28
N ARG A 150 -3.67 -15.53 12.24
CA ARG A 150 -2.30 -16.00 12.07
C ARG A 150 -2.21 -17.53 12.04
N ASP A 151 -3.00 -18.18 12.90
CA ASP A 151 -3.05 -19.64 12.95
C ASP A 151 -3.50 -20.26 11.63
N LYS A 152 -4.48 -19.62 10.97
CA LYS A 152 -5.11 -20.19 9.79
C LYS A 152 -4.51 -19.72 8.47
N ALA A 153 -4.18 -18.44 8.36
CA ALA A 153 -3.57 -17.89 7.14
C ALA A 153 -2.05 -17.95 7.19
N GLY A 154 -1.46 -17.36 8.23
CA GLY A 154 0.00 -17.34 8.39
C GLY A 154 0.61 -18.72 8.32
N ARG A 155 0.18 -19.61 9.21
CA ARG A 155 0.71 -20.98 9.27
C ARG A 155 0.61 -21.73 7.95
N ALA A 156 -0.47 -21.50 7.21
CA ALA A 156 -0.73 -22.25 5.97
C ALA A 156 0.10 -21.79 4.78
N ILE A 157 0.74 -20.63 4.90
CA ILE A 157 1.62 -20.10 3.86
C ILE A 157 3.05 -20.64 3.98
N LEU A 158 3.42 -21.04 5.20
CA LEU A 158 4.80 -21.47 5.50
C LEU A 158 5.34 -22.55 4.56
N GLN A 159 4.52 -23.55 4.24
CA GLN A 159 4.93 -24.66 3.37
C GLN A 159 5.38 -24.23 1.97
N PHE A 160 4.87 -23.09 1.50
CA PHE A 160 5.18 -22.58 0.16
C PHE A 160 6.36 -21.61 0.12
N TYR A 161 6.61 -20.91 1.23
CA TYR A 161 7.49 -19.73 1.20
C TYR A 161 8.95 -20.00 0.84
N PRO A 162 9.60 -21.01 1.46
CA PRO A 162 11.00 -21.25 1.08
C PRO A 162 11.21 -21.55 -0.40
N LYS A 163 10.29 -22.32 -1.01
CA LYS A 163 10.38 -22.62 -2.44
C LYS A 163 10.07 -21.39 -3.30
N TYR A 164 9.13 -20.56 -2.85
CA TYR A 164 8.85 -19.28 -3.48
C TYR A 164 10.10 -18.41 -3.52
N VAL A 165 10.80 -18.35 -2.39
CA VAL A 165 12.04 -17.57 -2.24
C VAL A 165 13.11 -18.08 -3.20
N GLU A 166 13.24 -19.41 -3.30
CA GLU A 166 14.22 -20.03 -4.17
C GLU A 166 13.99 -19.65 -5.64
N LEU A 167 12.75 -19.77 -6.09
CA LEU A 167 12.40 -19.54 -7.50
C LEU A 167 12.43 -18.07 -7.89
N ILE A 168 11.97 -17.19 -7.01
CA ILE A 168 11.95 -15.76 -7.32
C ILE A 168 13.38 -15.20 -7.35
N ASN A 169 14.25 -15.70 -6.47
CA ASN A 169 15.67 -15.36 -6.50
C ASN A 169 16.35 -15.86 -7.77
N GLN A 170 16.02 -17.10 -8.17
CA GLN A 170 16.55 -17.69 -9.39
C GLN A 170 16.21 -16.86 -10.62
N ALA A 171 14.94 -16.48 -10.75
CA ALA A 171 14.50 -15.62 -11.85
C ALA A 171 15.24 -14.28 -11.83
N ALA A 172 15.46 -13.74 -10.63
CA ALA A 172 16.18 -12.49 -10.46
C ALA A 172 17.64 -12.63 -10.91
N ARG A 173 18.30 -13.70 -10.50
CA ARG A 173 19.68 -13.97 -10.91
C ARG A 173 19.80 -14.17 -12.42
N LEU A 174 18.81 -14.82 -13.01
CA LEU A 174 18.80 -15.04 -14.46
C LEU A 174 18.63 -13.75 -15.25
N ASN A 175 18.18 -12.69 -14.59
CA ASN A 175 18.05 -11.38 -15.21
C ASN A 175 19.15 -10.39 -14.83
N GLY A 176 20.18 -10.89 -14.15
CA GLY A 176 21.36 -10.08 -13.84
C GLY A 176 21.42 -9.43 -12.47
N TYR A 177 20.45 -9.73 -11.62
CA TYR A 177 20.44 -9.23 -10.24
C TYR A 177 21.03 -10.28 -9.31
N VAL A 178 21.33 -9.92 -8.07
CA VAL A 178 21.90 -10.89 -7.12
C VAL A 178 20.81 -11.66 -6.35
N ASP A 179 19.64 -11.04 -6.21
CA ASP A 179 18.46 -11.67 -5.61
C ASP A 179 17.21 -10.86 -5.93
N ALA A 180 16.04 -11.36 -5.52
CA ALA A 180 14.76 -10.69 -5.82
C ALA A 180 14.62 -9.29 -5.20
N GLY A 181 15.21 -9.09 -4.03
CA GLY A 181 15.14 -7.79 -3.34
C GLY A 181 15.94 -6.74 -4.10
N ASP A 182 17.10 -7.15 -4.60
CA ASP A 182 17.93 -6.33 -5.47
C ASP A 182 17.14 -5.90 -6.71
N SER A 183 16.43 -6.84 -7.32
CA SER A 183 15.60 -6.55 -8.49
C SER A 183 14.48 -5.56 -8.17
N TRP A 184 13.80 -5.77 -7.04
CA TRP A 184 12.71 -4.89 -6.61
C TRP A 184 13.20 -3.46 -6.35
N ARG A 185 14.32 -3.35 -5.64
CA ARG A 185 14.92 -2.05 -5.32
C ARG A 185 15.31 -1.28 -6.58
N SER A 186 15.69 -2.01 -7.63
CA SER A 186 16.16 -1.42 -8.88
C SER A 186 15.09 -0.59 -9.59
N MET A 187 13.81 -0.85 -9.26
CA MET A 187 12.69 -0.10 -9.83
C MET A 187 12.75 1.40 -9.54
N TYR A 188 13.47 1.78 -8.49
CA TYR A 188 13.61 3.19 -8.10
C TYR A 188 14.80 3.88 -8.77
N GLU A 189 15.66 3.10 -9.42
CA GLU A 189 16.83 3.63 -10.15
C GLU A 189 17.62 4.62 -9.31
N THR A 190 17.83 4.29 -8.04
CA THR A 190 18.43 5.20 -7.07
C THR A 190 19.47 4.44 -6.25
N PRO A 191 20.76 4.64 -6.57
CA PRO A 191 21.86 3.97 -5.85
C PRO A 191 21.83 4.18 -4.34
N SER A 192 21.45 5.38 -3.90
CA SER A 192 21.40 5.71 -2.48
C SER A 192 20.08 5.32 -1.79
N LEU A 193 19.26 4.49 -2.44
CA LEU A 193 17.90 4.19 -1.98
C LEU A 193 17.81 3.85 -0.49
N GLU A 194 18.58 2.85 -0.06
CA GLU A 194 18.53 2.36 1.32
C GLU A 194 18.91 3.43 2.35
N GLN A 195 19.94 4.21 2.04
CA GLN A 195 20.35 5.33 2.90
C GLN A 195 19.28 6.43 2.97
N ASP A 196 18.72 6.77 1.81
CA ASP A 196 17.70 7.81 1.72
C ASP A 196 16.45 7.45 2.52
N LEU A 197 16.00 6.20 2.42
CA LEU A 197 14.83 5.72 3.15
C LEU A 197 15.05 5.70 4.67
N GLU A 198 16.25 5.30 5.08
CA GLU A 198 16.63 5.27 6.49
C GLU A 198 16.61 6.67 7.13
N ARG A 199 17.14 7.66 6.41
CA ARG A 199 17.13 9.05 6.89
C ARG A 199 15.71 9.57 7.02
N LEU A 200 14.88 9.26 6.03
CA LEU A 200 13.46 9.65 6.07
C LEU A 200 12.77 9.05 7.29
N PHE A 201 13.01 7.75 7.52
CA PHE A 201 12.47 7.08 8.70
C PHE A 201 12.96 7.72 10.00
N GLN A 202 14.25 8.05 10.06
CA GLN A 202 14.83 8.68 11.25
C GLN A 202 14.23 10.05 11.55
N GLU A 203 13.87 10.79 10.50
CA GLU A 203 13.26 12.11 10.65
C GLU A 203 11.87 12.04 11.26
N LEU A 204 11.21 10.89 11.13
CA LEU A 204 9.86 10.71 11.66
C LEU A 204 9.81 10.04 13.03
N GLN A 205 10.96 9.91 13.69
CA GLN A 205 11.05 9.30 15.01
C GLN A 205 10.41 10.14 16.13
N PRO A 206 10.75 11.44 16.24
CA PRO A 206 10.10 12.23 17.28
C PRO A 206 8.57 12.14 17.25
N LEU A 207 8.00 12.17 16.05
CA LEU A 207 6.56 12.11 15.88
C LEU A 207 5.99 10.74 16.21
N TYR A 208 6.58 9.68 15.66
CA TYR A 208 6.09 8.34 15.95
C TYR A 208 6.23 7.98 17.43
N LEU A 209 7.41 8.23 18.01
CA LEU A 209 7.68 7.91 19.41
C LEU A 209 6.75 8.64 20.38
N ASN A 210 6.42 9.90 20.06
CA ASN A 210 5.44 10.65 20.84
C ASN A 210 4.02 10.13 20.68
N LEU A 211 3.64 9.77 19.45
CA LEU A 211 2.36 9.14 19.21
C LEU A 211 2.27 7.80 19.95
N HIS A 212 3.31 6.98 19.78
CA HIS A 212 3.40 5.67 20.42
C HIS A 212 3.22 5.77 21.93
N ALA A 213 3.97 6.67 22.56
CA ALA A 213 3.90 6.86 24.03
C ALA A 213 2.51 7.30 24.49
N TYR A 214 1.90 8.22 23.75
CA TYR A 214 0.57 8.72 24.08
C TYR A 214 -0.49 7.62 23.98
N VAL A 215 -0.44 6.85 22.89
CA VAL A 215 -1.38 5.74 22.67
C VAL A 215 -1.20 4.63 23.72
N ARG A 216 0.05 4.30 24.02
CA ARG A 216 0.37 3.33 25.07
C ARG A 216 -0.26 3.71 26.41
N ARG A 217 -0.16 5.00 26.76
CA ARG A 217 -0.75 5.52 27.99
C ARG A 217 -2.28 5.35 28.00
N ALA A 218 -2.91 5.61 26.85
CA ALA A 218 -4.36 5.47 26.72
C ALA A 218 -4.79 4.01 26.80
N LEU A 219 -4.00 3.12 26.19
CA LEU A 219 -4.26 1.68 26.28
C LEU A 219 -4.07 1.14 27.70
N HIS A 220 -3.10 1.70 28.42
CA HIS A 220 -2.88 1.41 29.84
C HIS A 220 -4.14 1.76 30.65
N ARG A 221 -4.73 2.92 30.34
CA ARG A 221 -5.97 3.38 30.96
C ARG A 221 -7.13 2.41 30.72
N HIS A 222 -7.32 1.98 29.47
CA HIS A 222 -8.43 1.09 29.14
C HIS A 222 -8.21 -0.39 29.50
N TYR A 223 -7.06 -0.94 29.12
CA TYR A 223 -6.83 -2.38 29.24
C TYR A 223 -6.18 -2.82 30.56
N GLY A 224 -5.80 -1.85 31.39
CA GLY A 224 -5.32 -2.14 32.75
C GLY A 224 -3.82 -2.18 32.89
N ALA A 225 -3.34 -1.72 34.05
CA ALA A 225 -1.91 -1.69 34.37
C ALA A 225 -1.24 -3.07 34.25
N GLN A 226 -1.99 -4.13 34.54
CA GLN A 226 -1.46 -5.50 34.45
C GLN A 226 -1.20 -5.99 33.02
N HIS A 227 -1.71 -5.27 32.02
CA HIS A 227 -1.60 -5.69 30.63
C HIS A 227 -0.85 -4.72 29.72
N ILE A 228 -0.45 -3.57 30.26
CA ILE A 228 0.34 -2.59 29.50
C ILE A 228 1.55 -2.15 30.33
N ASN A 229 2.74 -2.35 29.76
CA ASN A 229 3.96 -1.84 30.37
C ASN A 229 4.26 -0.48 29.78
N LEU A 230 4.23 0.54 30.63
CA LEU A 230 4.41 1.94 30.21
C LEU A 230 5.81 2.25 29.70
N GLU A 231 6.74 1.32 29.92
CA GLU A 231 8.11 1.46 29.41
C GLU A 231 8.45 0.37 28.38
N GLY A 232 7.45 -0.40 27.98
CA GLY A 232 7.67 -1.51 27.06
C GLY A 232 6.92 -1.40 25.74
N PRO A 233 7.04 -2.41 24.88
CA PRO A 233 6.30 -2.39 23.61
C PRO A 233 4.81 -2.66 23.81
N ILE A 234 4.00 -2.19 22.87
CA ILE A 234 2.55 -2.35 22.91
C ILE A 234 2.12 -3.70 22.30
N PRO A 235 1.25 -4.46 23.01
CA PRO A 235 0.73 -5.70 22.43
C PRO A 235 0.07 -5.44 21.08
N ALA A 236 0.44 -6.26 20.08
CA ALA A 236 0.13 -6.01 18.67
C ALA A 236 -1.33 -6.08 18.27
N HIS A 237 -2.19 -6.58 19.15
CA HIS A 237 -3.61 -6.79 18.82
C HIS A 237 -4.55 -5.67 19.28
N LEU A 238 -3.99 -4.59 19.81
CA LEU A 238 -4.81 -3.55 20.48
C LEU A 238 -4.96 -2.23 19.73
N LEU A 239 -4.48 -2.18 18.48
CA LEU A 239 -4.41 -0.92 17.74
C LEU A 239 -5.53 -0.73 16.69
N GLY A 240 -6.53 -1.61 16.70
CA GLY A 240 -7.72 -1.46 15.85
C GLY A 240 -7.60 -2.00 14.43
N ASN A 241 -6.49 -2.67 14.15
CA ASN A 241 -6.16 -3.15 12.81
C ASN A 241 -5.41 -4.48 12.94
N MET A 242 -5.70 -5.42 12.04
CA MET A 242 -5.13 -6.77 12.09
C MET A 242 -3.60 -6.76 12.18
N TRP A 243 -2.97 -5.80 11.49
CA TRP A 243 -1.51 -5.73 11.42
C TRP A 243 -0.93 -4.56 12.23
N ALA A 244 -1.80 -3.88 12.98
CA ALA A 244 -1.44 -2.64 13.72
C ALA A 244 -0.71 -1.64 12.82
N GLN A 245 -1.06 -1.65 11.53
CA GLN A 245 -0.38 -0.83 10.53
C GLN A 245 -0.95 0.58 10.47
N THR A 246 -2.23 0.70 10.81
CA THR A 246 -2.89 2.00 10.98
C THR A 246 -3.70 1.92 12.26
N TRP A 247 -3.78 3.03 13.00
CA TRP A 247 -4.36 3.00 14.34
C TRP A 247 -5.65 3.79 14.50
N SER A 248 -6.20 4.28 13.40
CA SER A 248 -7.36 5.19 13.46
C SER A 248 -8.61 4.62 14.14
N ASN A 249 -8.74 3.29 14.15
CA ASN A 249 -9.94 2.66 14.74
C ASN A 249 -10.02 2.74 16.27
N ILE A 250 -8.91 3.12 16.91
CA ILE A 250 -8.91 3.32 18.37
C ILE A 250 -8.91 4.80 18.76
N TYR A 251 -9.30 5.66 17.82
CA TYR A 251 -9.46 7.09 18.08
C TYR A 251 -10.31 7.37 19.33
N ASP A 252 -11.38 6.60 19.50
CA ASP A 252 -12.27 6.70 20.67
C ASP A 252 -11.54 6.54 22.01
N LEU A 253 -10.45 5.78 22.03
CA LEU A 253 -9.69 5.56 23.25
C LEU A 253 -8.65 6.65 23.51
N VAL A 254 -8.31 7.40 22.47
CA VAL A 254 -7.17 8.34 22.52
C VAL A 254 -7.52 9.81 22.25
N VAL A 255 -8.80 10.10 22.06
CA VAL A 255 -9.24 11.47 21.70
C VAL A 255 -8.62 12.54 22.62
N PRO A 256 -7.82 13.46 22.04
CA PRO A 256 -7.15 14.52 22.82
C PRO A 256 -8.12 15.41 23.59
N PHE A 257 -9.18 15.87 22.93
CA PHE A 257 -10.19 16.71 23.58
C PHE A 257 -11.59 16.08 23.46
N PRO A 258 -11.98 15.25 24.45
CA PRO A 258 -13.28 14.58 24.44
C PRO A 258 -14.47 15.54 24.50
N SER A 259 -14.24 16.74 25.02
CA SER A 259 -15.29 17.76 25.13
C SER A 259 -15.55 18.49 23.82
N ALA A 260 -14.72 18.21 22.81
CA ALA A 260 -14.94 18.72 21.46
C ALA A 260 -15.12 17.56 20.46
N PRO A 261 -16.24 16.81 20.58
CA PRO A 261 -16.42 15.65 19.71
C PRO A 261 -16.94 16.05 18.34
N SER A 262 -16.60 15.27 17.33
CA SER A 262 -17.11 15.48 15.98
C SER A 262 -18.06 14.35 15.59
N MET A 263 -18.86 14.58 14.55
CA MET A 263 -19.83 13.61 14.08
C MET A 263 -19.20 12.30 13.65
N ASP A 264 -19.93 11.20 13.86
CA ASP A 264 -19.51 9.91 13.35
C ASP A 264 -19.82 9.88 11.85
N THR A 265 -18.76 10.04 11.05
CA THR A 265 -18.87 10.14 9.60
C THR A 265 -19.40 8.86 8.97
N THR A 266 -18.95 7.72 9.48
CA THR A 266 -19.43 6.40 9.04
C THR A 266 -20.93 6.25 9.30
N GLU A 267 -21.35 6.64 10.51
CA GLU A 267 -22.77 6.68 10.87
C GLU A 267 -23.53 7.67 9.98
N ALA A 268 -22.88 8.78 9.65
CA ALA A 268 -23.48 9.82 8.80
C ALA A 268 -23.63 9.39 7.34
N MET A 269 -22.63 8.67 6.83
CA MET A 269 -22.67 8.12 5.48
C MET A 269 -23.82 7.11 5.34
N LEU A 270 -23.89 6.18 6.28
CA LEU A 270 -24.96 5.17 6.33
C LEU A 270 -26.32 5.81 6.56
N LYS A 271 -26.34 6.87 7.36
CA LYS A 271 -27.57 7.65 7.63
C LYS A 271 -28.10 8.32 6.36
N GLN A 272 -27.21 8.94 5.59
CA GLN A 272 -27.60 9.67 4.40
C GLN A 272 -27.61 8.81 3.13
N GLY A 273 -27.58 7.49 3.33
CA GLY A 273 -27.69 6.54 2.23
C GLY A 273 -26.58 6.65 1.20
N TRP A 274 -25.35 6.49 1.66
CA TRP A 274 -24.18 6.51 0.78
C TRP A 274 -23.92 5.12 0.21
N THR A 275 -24.01 5.01 -1.11
CA THR A 275 -23.72 3.76 -1.82
C THR A 275 -22.25 3.75 -2.25
N PRO A 276 -21.62 2.54 -2.28
CA PRO A 276 -20.28 2.40 -2.83
C PRO A 276 -20.09 3.15 -4.16
N ARG A 277 -21.12 3.16 -4.99
CA ARG A 277 -21.09 3.84 -6.29
C ARG A 277 -21.07 5.36 -6.17
N ARG A 278 -21.62 5.89 -5.08
CA ARG A 278 -21.60 7.33 -4.82
C ARG A 278 -20.21 7.77 -4.33
N MET A 279 -19.58 6.90 -3.54
CA MET A 279 -18.22 7.14 -3.02
C MET A 279 -17.22 7.35 -4.15
N PHE A 280 -17.32 6.53 -5.19
CA PHE A 280 -16.46 6.62 -6.36
C PHE A 280 -16.81 7.79 -7.29
N LYS A 281 -18.09 8.15 -7.33
CA LYS A 281 -18.55 9.31 -8.11
C LYS A 281 -18.02 10.61 -7.53
N GLU A 282 -17.90 10.65 -6.21
CA GLU A 282 -17.37 11.83 -5.52
C GLU A 282 -15.86 11.97 -5.76
N ALA A 283 -15.15 10.85 -5.77
CA ALA A 283 -13.71 10.83 -6.10
C ALA A 283 -13.50 11.36 -7.51
N ASP A 284 -14.33 10.89 -8.45
CA ASP A 284 -14.29 11.34 -9.83
C ASP A 284 -14.49 12.86 -9.97
N ASP A 285 -15.41 13.41 -9.15
CA ASP A 285 -15.65 14.86 -9.14
C ASP A 285 -14.42 15.64 -8.70
N PHE A 286 -13.73 15.14 -7.67
CA PHE A 286 -12.54 15.81 -7.16
C PHE A 286 -11.46 15.92 -8.23
N PHE A 287 -11.20 14.81 -8.92
CA PHE A 287 -10.23 14.80 -10.02
C PHE A 287 -10.58 15.82 -11.12
N THR A 288 -11.84 15.80 -11.57
CA THR A 288 -12.30 16.73 -12.61
C THR A 288 -12.30 18.19 -12.15
N SER A 289 -12.53 18.41 -10.86
CA SER A 289 -12.51 19.77 -10.29
C SER A 289 -11.12 20.39 -10.44
N LEU A 290 -10.10 19.55 -10.37
CA LEU A 290 -8.70 19.97 -10.53
C LEU A 290 -8.31 20.17 -12.00
N GLY A 291 -9.22 19.80 -12.91
CA GLY A 291 -8.96 19.86 -14.34
C GLY A 291 -8.34 18.60 -14.88
N LEU A 292 -8.38 17.54 -14.07
CA LEU A 292 -7.86 16.24 -14.48
C LEU A 292 -8.95 15.44 -15.20
N LEU A 293 -8.58 14.26 -15.72
CA LEU A 293 -9.46 13.46 -16.57
C LEU A 293 -10.56 12.72 -15.81
N PRO A 294 -11.80 12.75 -16.34
CA PRO A 294 -12.88 11.91 -15.81
C PRO A 294 -12.68 10.46 -16.25
N VAL A 295 -13.20 9.52 -15.48
CA VAL A 295 -13.16 8.11 -15.87
C VAL A 295 -14.12 7.87 -17.04
N PRO A 296 -13.71 7.02 -18.01
CA PRO A 296 -14.56 6.72 -19.17
C PRO A 296 -15.87 6.07 -18.76
N PRO A 297 -16.93 6.23 -19.58
CA PRO A 297 -18.22 5.56 -19.32
C PRO A 297 -18.06 4.05 -19.13
N GLU A 298 -17.08 3.47 -19.83
CA GLU A 298 -16.75 2.05 -19.75
C GLU A 298 -16.36 1.62 -18.34
N PHE A 299 -15.70 2.51 -17.61
CA PHE A 299 -15.25 2.24 -16.23
C PHE A 299 -16.40 1.88 -15.30
N TRP A 300 -17.48 2.66 -15.38
CA TRP A 300 -18.66 2.44 -14.52
C TRP A 300 -19.36 1.15 -14.87
N ASN A 301 -19.30 0.78 -16.15
CA ASN A 301 -19.94 -0.42 -16.65
C ASN A 301 -19.26 -1.72 -16.19
N LYS A 302 -17.93 -1.68 -16.04
CA LYS A 302 -17.15 -2.90 -15.89
C LYS A 302 -16.43 -3.11 -14.55
N SER A 303 -16.43 -2.09 -13.70
CA SER A 303 -15.73 -2.19 -12.41
C SER A 303 -16.55 -2.94 -11.36
N MET A 304 -15.85 -3.70 -10.52
CA MET A 304 -16.47 -4.36 -9.37
C MET A 304 -16.24 -3.50 -8.12
N LEU A 305 -17.21 -2.66 -7.81
CA LEU A 305 -17.09 -1.68 -6.74
C LEU A 305 -17.59 -2.18 -5.38
N GLU A 306 -18.02 -3.43 -5.33
CA GLU A 306 -18.58 -4.01 -4.11
C GLU A 306 -18.39 -5.53 -4.04
N LYS A 307 -18.34 -6.06 -2.82
CA LYS A 307 -18.27 -7.51 -2.59
C LYS A 307 -19.56 -8.17 -3.08
N PRO A 308 -19.43 -9.20 -3.94
CA PRO A 308 -20.60 -9.86 -4.52
C PRO A 308 -21.48 -10.56 -3.48
N THR A 309 -22.78 -10.30 -3.56
CA THR A 309 -23.78 -10.98 -2.72
C THR A 309 -24.06 -12.39 -3.27
N ASP A 310 -23.38 -12.71 -4.37
CA ASP A 310 -23.51 -14.00 -5.04
C ASP A 310 -22.90 -15.14 -4.22
N GLY A 311 -22.01 -14.78 -3.30
CA GLY A 311 -21.33 -15.75 -2.44
C GLY A 311 -20.08 -16.34 -3.07
N ARG A 312 -19.64 -15.74 -4.18
CA ARG A 312 -18.44 -16.18 -4.90
C ARG A 312 -17.15 -15.84 -4.16
N GLU A 313 -16.15 -16.70 -4.28
CA GLU A 313 -14.85 -16.48 -3.68
C GLU A 313 -14.07 -15.45 -4.50
N VAL A 314 -13.71 -14.34 -3.87
CA VAL A 314 -12.98 -13.26 -4.55
C VAL A 314 -11.72 -12.85 -3.79
N VAL A 315 -10.81 -12.18 -4.51
CA VAL A 315 -9.71 -11.46 -3.86
C VAL A 315 -10.26 -10.07 -3.52
N CYS A 316 -10.53 -9.85 -2.24
CA CYS A 316 -11.18 -8.62 -1.79
C CYS A 316 -10.25 -7.41 -1.75
N HIS A 317 -8.95 -7.66 -1.65
CA HIS A 317 -7.95 -6.59 -1.60
C HIS A 317 -8.16 -5.60 -2.74
N ALA A 318 -8.25 -4.33 -2.37
CA ALA A 318 -8.55 -3.24 -3.31
C ALA A 318 -7.42 -3.04 -4.32
N SER A 319 -7.79 -3.00 -5.60
CA SER A 319 -6.82 -2.81 -6.68
C SER A 319 -7.45 -2.14 -7.90
N ALA A 320 -6.61 -1.45 -8.68
CA ALA A 320 -7.03 -0.79 -9.91
C ALA A 320 -6.34 -1.44 -11.11
N TRP A 321 -7.02 -1.44 -12.25
CA TRP A 321 -6.62 -2.27 -13.38
C TRP A 321 -6.47 -1.48 -14.68
N ASP A 322 -5.33 -1.67 -15.33
CA ASP A 322 -5.09 -1.14 -16.67
C ASP A 322 -5.12 -2.31 -17.65
N PHE A 323 -5.90 -2.17 -18.72
CA PHE A 323 -6.09 -3.25 -19.67
C PHE A 323 -5.26 -3.08 -20.95
N TYR A 324 -4.46 -2.01 -20.97
CA TYR A 324 -3.47 -1.76 -22.03
C TYR A 324 -4.04 -1.54 -23.42
N ASN A 325 -5.15 -0.82 -23.49
CA ASN A 325 -5.74 -0.40 -24.76
C ASN A 325 -6.08 1.10 -24.79
N GLY A 326 -5.92 1.75 -23.63
CA GLY A 326 -6.16 3.18 -23.51
C GLY A 326 -7.61 3.56 -23.36
N LYS A 327 -8.47 2.57 -23.10
CA LYS A 327 -9.91 2.79 -22.98
C LYS A 327 -10.52 2.05 -21.79
N ASP A 328 -10.01 0.85 -21.53
CA ASP A 328 -10.56 -0.02 -20.49
C ASP A 328 -9.75 0.09 -19.20
N PHE A 329 -10.34 0.73 -18.19
CA PHE A 329 -9.74 0.87 -16.86
C PHE A 329 -10.78 0.47 -15.80
N ARG A 330 -10.36 -0.30 -14.80
CA ARG A 330 -11.28 -0.84 -13.81
C ARG A 330 -10.76 -0.80 -12.38
N ILE A 331 -11.68 -0.74 -11.43
CA ILE A 331 -11.36 -0.91 -10.01
C ILE A 331 -12.05 -2.15 -9.46
N LYS A 332 -11.32 -2.93 -8.67
CA LYS A 332 -11.85 -4.09 -7.97
C LYS A 332 -11.69 -3.89 -6.46
N GLN A 333 -12.82 -3.74 -5.77
CA GLN A 333 -12.81 -3.45 -4.33
C GLN A 333 -14.06 -4.00 -3.63
N CYS A 334 -13.84 -4.66 -2.49
CA CYS A 334 -14.93 -5.07 -1.60
C CYS A 334 -15.24 -3.92 -0.64
N THR A 335 -16.02 -2.96 -1.12
CA THR A 335 -16.21 -1.69 -0.42
C THR A 335 -17.27 -1.75 0.69
N THR A 336 -16.84 -1.42 1.91
CA THR A 336 -17.74 -1.19 3.03
C THR A 336 -17.99 0.32 3.10
N VAL A 337 -19.19 0.71 3.50
CA VAL A 337 -19.54 2.13 3.56
C VAL A 337 -19.02 2.75 4.86
N ASN A 338 -17.83 3.36 4.77
CA ASN A 338 -17.23 4.11 5.86
C ASN A 338 -16.20 5.13 5.37
N LEU A 339 -15.54 5.81 6.30
CA LEU A 339 -14.50 6.78 5.96
C LEU A 339 -13.24 6.10 5.43
N GLU A 340 -12.83 5.02 6.09
CA GLU A 340 -11.64 4.26 5.71
C GLU A 340 -11.63 3.86 4.24
N ASP A 341 -12.78 3.39 3.75
CA ASP A 341 -12.93 2.97 2.35
C ASP A 341 -13.23 4.11 1.37
N LEU A 342 -13.63 5.27 1.90
CA LEU A 342 -13.82 6.46 1.07
C LEU A 342 -12.47 7.02 0.61
N VAL A 343 -11.49 6.99 1.52
CA VAL A 343 -10.11 7.35 1.22
C VAL A 343 -9.51 6.33 0.26
N VAL A 344 -9.74 5.05 0.54
CA VAL A 344 -9.30 3.95 -0.34
C VAL A 344 -9.85 4.13 -1.76
N ALA A 345 -11.09 4.59 -1.86
CA ALA A 345 -11.73 4.87 -3.15
C ALA A 345 -10.99 5.95 -3.94
N HIS A 346 -10.51 6.99 -3.25
CA HIS A 346 -9.70 8.03 -3.87
C HIS A 346 -8.32 7.50 -4.25
N HIS A 347 -7.77 6.65 -3.38
CA HIS A 347 -6.49 5.98 -3.63
C HIS A 347 -6.51 5.22 -4.95
N GLU A 348 -7.53 4.41 -5.16
CA GLU A 348 -7.67 3.59 -6.37
C GLU A 348 -7.97 4.44 -7.61
N MET A 349 -8.75 5.50 -7.43
CA MET A 349 -9.05 6.41 -8.53
C MET A 349 -7.80 7.17 -8.97
N GLY A 350 -6.86 7.36 -8.05
CA GLY A 350 -5.56 7.95 -8.36
C GLY A 350 -4.76 7.09 -9.33
N HIS A 351 -4.80 5.77 -9.13
CA HIS A 351 -4.19 4.82 -10.06
C HIS A 351 -4.80 4.94 -11.45
N ILE A 352 -6.13 5.03 -11.52
CA ILE A 352 -6.85 5.18 -12.78
C ILE A 352 -6.45 6.47 -13.49
N GLN A 353 -6.37 7.57 -12.76
CA GLN A 353 -5.92 8.84 -13.31
C GLN A 353 -4.54 8.70 -13.94
N TYR A 354 -3.64 8.03 -13.22
CA TYR A 354 -2.30 7.76 -13.71
C TYR A 354 -2.35 6.95 -15.01
N PHE A 355 -3.19 5.91 -15.04
CA PHE A 355 -3.35 5.09 -16.25
C PHE A 355 -3.75 5.96 -17.44
N MET A 356 -4.79 6.77 -17.24
CA MET A 356 -5.33 7.64 -18.27
C MET A 356 -4.34 8.69 -18.74
N GLN A 357 -3.56 9.23 -17.81
CA GLN A 357 -2.58 10.28 -18.11
C GLN A 357 -1.42 9.81 -18.99
N TYR A 358 -0.97 8.57 -18.80
CA TYR A 358 0.16 8.04 -19.58
C TYR A 358 -0.20 7.02 -20.66
N LYS A 359 -1.48 6.96 -21.03
CA LYS A 359 -1.99 5.96 -21.97
C LYS A 359 -1.44 6.04 -23.40
N ASP A 360 -0.88 7.20 -23.77
CA ASP A 360 -0.33 7.39 -25.11
C ASP A 360 1.16 7.02 -25.22
N LEU A 361 1.77 6.69 -24.09
CA LEU A 361 3.17 6.26 -24.06
C LEU A 361 3.29 4.82 -24.53
N PRO A 362 4.49 4.41 -24.98
CA PRO A 362 4.75 2.99 -25.21
C PRO A 362 4.47 2.17 -23.95
N VAL A 363 3.81 1.03 -24.12
CA VAL A 363 3.44 0.14 -23.01
C VAL A 363 4.55 -0.05 -21.97
N ALA A 364 5.79 -0.17 -22.45
CA ALA A 364 6.95 -0.36 -21.56
C ALA A 364 7.19 0.80 -20.60
N LEU A 365 6.60 1.96 -20.89
CA LEU A 365 6.78 3.15 -20.06
C LEU A 365 5.48 3.56 -19.36
N ARG A 366 4.47 2.69 -19.42
CA ARG A 366 3.19 2.93 -18.78
C ARG A 366 3.18 2.45 -17.32
N GLU A 367 3.98 3.14 -16.50
CA GLU A 367 3.95 2.98 -15.04
C GLU A 367 4.35 4.31 -14.39
N GLY A 368 4.27 4.39 -13.06
CA GLY A 368 4.62 5.62 -12.35
C GLY A 368 6.09 5.97 -12.47
N ALA A 369 6.43 7.21 -12.14
CA ALA A 369 7.84 7.65 -12.12
C ALA A 369 8.68 6.71 -11.25
N ASN A 370 8.12 6.35 -10.11
CA ASN A 370 8.50 5.15 -9.39
C ASN A 370 7.23 4.55 -8.75
N PRO A 371 7.30 3.33 -8.20
CA PRO A 371 6.07 2.74 -7.66
C PRO A 371 5.41 3.57 -6.56
N GLY A 372 6.21 4.32 -5.80
CA GLY A 372 5.69 5.23 -4.77
C GLY A 372 4.81 6.34 -5.33
N PHE A 373 5.15 6.82 -6.52
CA PHE A 373 4.37 7.86 -7.21
C PHE A 373 2.96 7.38 -7.55
N HIS A 374 2.86 6.14 -8.05
CA HIS A 374 1.56 5.57 -8.45
C HIS A 374 0.62 5.49 -7.25
N GLU A 375 1.19 5.14 -6.09
CA GLU A 375 0.45 5.00 -4.84
C GLU A 375 0.07 6.34 -4.22
N ALA A 376 0.83 7.39 -4.53
CA ALA A 376 0.68 8.68 -3.84
C ALA A 376 -0.46 9.55 -4.37
N ILE A 377 -0.72 9.47 -5.67
CA ILE A 377 -1.64 10.40 -6.36
C ILE A 377 -3.00 10.52 -5.66
N GLY A 378 -3.67 9.37 -5.49
CA GLY A 378 -4.99 9.33 -4.87
C GLY A 378 -5.01 9.79 -3.42
N ASP A 379 -3.96 9.45 -2.68
CA ASP A 379 -3.84 9.85 -1.28
C ASP A 379 -3.72 11.35 -1.11
N VAL A 380 -3.08 12.00 -2.08
CA VAL A 380 -2.92 13.46 -2.04
C VAL A 380 -4.29 14.15 -2.02
N LEU A 381 -5.17 13.76 -2.95
CA LEU A 381 -6.52 14.31 -3.02
C LEU A 381 -7.32 13.93 -1.78
N ALA A 382 -7.16 12.69 -1.31
CA ALA A 382 -7.82 12.21 -0.11
C ALA A 382 -7.45 13.00 1.15
N LEU A 383 -6.26 13.61 1.15
CA LEU A 383 -5.84 14.48 2.25
C LEU A 383 -6.77 15.70 2.34
N SER A 384 -7.03 16.32 1.19
CA SER A 384 -7.95 17.46 1.12
C SER A 384 -9.38 17.05 1.47
N VAL A 385 -9.79 15.88 0.98
CA VAL A 385 -11.11 15.28 1.27
C VAL A 385 -11.31 15.13 2.78
N SER A 386 -10.27 14.69 3.48
CA SER A 386 -10.35 14.36 4.90
C SER A 386 -10.46 15.56 5.84
N THR A 387 -10.20 16.76 5.32
CA THR A 387 -10.29 17.97 6.15
C THR A 387 -11.73 18.17 6.67
N PRO A 388 -11.87 18.67 7.91
CA PRO A 388 -13.20 18.96 8.45
C PRO A 388 -13.99 19.91 7.55
N LYS A 389 -13.31 20.89 6.96
CA LYS A 389 -13.94 21.82 5.99
C LYS A 389 -14.63 21.06 4.86
N HIS A 390 -13.89 20.16 4.21
CA HIS A 390 -14.43 19.38 3.10
C HIS A 390 -15.49 18.37 3.52
N LEU A 391 -15.23 17.68 4.63
CA LEU A 391 -16.18 16.70 5.16
C LEU A 391 -17.52 17.35 5.52
N HIS A 392 -17.46 18.60 5.96
CA HIS A 392 -18.68 19.37 6.23
C HIS A 392 -19.44 19.70 4.93
N SER A 393 -18.70 19.98 3.86
CA SER A 393 -19.30 20.30 2.56
C SER A 393 -19.96 19.08 1.92
N LEU A 394 -19.59 17.89 2.41
CA LEU A 394 -20.21 16.64 2.00
C LEU A 394 -21.33 16.23 2.95
N ASN A 395 -21.63 17.12 3.91
CA ASN A 395 -22.62 16.90 4.97
C ASN A 395 -22.29 15.73 5.92
N LEU A 396 -21.00 15.47 6.10
CA LEU A 396 -20.55 14.37 6.96
C LEU A 396 -20.02 14.86 8.29
N LEU A 397 -19.85 16.17 8.41
CA LEU A 397 -19.56 16.84 9.67
C LEU A 397 -20.41 18.10 9.75
N SER A 398 -20.67 18.57 10.97
CA SER A 398 -21.49 19.76 11.18
C SER A 398 -20.64 21.00 11.43
N SER A 403 -11.92 25.68 16.12
CA SER A 403 -11.32 25.70 17.46
C SER A 403 -10.02 24.91 17.49
N ASP A 404 -9.14 25.27 18.42
CA ASP A 404 -7.86 24.58 18.60
C ASP A 404 -8.05 23.14 19.04
N GLU A 405 -9.12 22.88 19.78
CA GLU A 405 -9.42 21.54 20.28
C GLU A 405 -9.89 20.59 19.16
N HIS A 406 -10.73 21.08 18.27
CA HIS A 406 -11.12 20.33 17.07
C HIS A 406 -9.92 20.13 16.14
N ASP A 407 -9.00 21.09 16.16
CA ASP A 407 -7.81 21.07 15.33
C ASP A 407 -6.85 19.93 15.72
N ILE A 408 -6.61 19.79 17.02
CA ILE A 408 -5.74 18.74 17.56
C ILE A 408 -6.40 17.37 17.42
N ASN A 409 -7.72 17.32 17.61
CA ASN A 409 -8.50 16.11 17.41
C ASN A 409 -8.39 15.56 15.99
N PHE A 410 -8.54 16.45 15.01
CA PHE A 410 -8.39 16.10 13.59
C PHE A 410 -6.98 15.62 13.27
N LEU A 411 -5.98 16.36 13.74
CA LEU A 411 -4.58 15.99 13.53
C LEU A 411 -4.27 14.62 14.14
N MET A 412 -4.82 14.34 15.31
CA MET A 412 -4.67 13.02 15.94
C MET A 412 -5.23 11.92 15.04
N LYS A 413 -6.44 12.14 14.53
CA LYS A 413 -7.09 11.18 13.64
C LYS A 413 -6.22 10.89 12.42
N MET A 414 -5.63 11.94 11.86
CA MET A 414 -4.72 11.80 10.73
C MET A 414 -3.45 11.06 11.12
N ALA A 415 -2.90 11.41 12.29
CA ALA A 415 -1.68 10.81 12.79
C ALA A 415 -1.82 9.30 12.99
N LEU A 416 -2.98 8.87 13.48
CA LEU A 416 -3.24 7.44 13.72
C LEU A 416 -3.16 6.61 12.44
N ASP A 417 -3.50 7.23 11.30
CA ASP A 417 -3.36 6.59 10.00
C ASP A 417 -1.95 6.81 9.43
N LYS A 418 -1.58 8.08 9.23
CA LYS A 418 -0.37 8.43 8.48
C LYS A 418 0.96 8.20 9.23
N ILE A 419 0.99 8.53 10.51
CA ILE A 419 2.22 8.41 11.30
C ILE A 419 2.48 6.96 11.72
N ALA A 420 1.46 6.30 12.24
CA ALA A 420 1.59 4.89 12.68
C ALA A 420 2.05 3.98 11.54
N PHE A 421 1.64 4.32 10.32
CA PHE A 421 1.96 3.51 9.13
C PHE A 421 3.44 3.56 8.73
N ILE A 422 4.13 4.63 9.11
CA ILE A 422 5.54 4.83 8.71
C ILE A 422 6.47 3.66 9.11
N PRO A 423 6.53 3.30 10.41
CA PRO A 423 7.43 2.20 10.73
C PRO A 423 7.02 0.86 10.13
N PHE A 424 5.70 0.61 10.00
CA PHE A 424 5.22 -0.64 9.40
C PHE A 424 5.60 -0.75 7.93
N SER A 425 5.29 0.28 7.16
CA SER A 425 5.58 0.28 5.72
C SER A 425 7.08 0.21 5.47
N TYR A 426 7.86 0.69 6.43
CA TYR A 426 9.31 0.58 6.37
C TYR A 426 9.79 -0.86 6.57
N LEU A 427 9.28 -1.52 7.61
CA LEU A 427 9.81 -2.81 8.03
C LEU A 427 9.50 -4.00 7.11
N VAL A 428 8.38 -3.96 6.39
CA VAL A 428 7.94 -5.12 5.61
C VAL A 428 9.02 -5.62 4.64
N ASP A 429 9.57 -4.71 3.84
CA ASP A 429 10.61 -5.09 2.88
C ASP A 429 12.02 -5.08 3.48
N GLN A 430 12.21 -4.46 4.64
CA GLN A 430 13.45 -4.67 5.39
C GLN A 430 13.57 -6.16 5.72
N TRP A 431 12.45 -6.76 6.12
CA TRP A 431 12.37 -8.21 6.33
C TRP A 431 12.58 -9.00 5.04
N ARG A 432 11.81 -8.67 4.00
CA ARG A 432 11.90 -9.40 2.74
C ARG A 432 13.25 -9.31 2.02
N TRP A 433 13.87 -8.12 2.07
CA TRP A 433 15.19 -7.95 1.46
C TRP A 433 16.21 -8.89 2.11
N ARG A 434 16.10 -9.07 3.42
CA ARG A 434 17.02 -9.94 4.17
C ARG A 434 16.67 -11.42 4.00
N VAL A 435 15.41 -11.71 3.70
CA VAL A 435 15.02 -13.07 3.32
C VAL A 435 15.59 -13.39 1.93
N PHE A 436 15.41 -12.46 0.98
CA PHE A 436 15.90 -12.65 -0.38
C PHE A 436 17.42 -12.77 -0.48
N ASP A 437 18.15 -11.95 0.28
CA ASP A 437 19.62 -12.00 0.22
C ASP A 437 20.23 -13.14 1.05
N GLY A 438 19.38 -13.90 1.74
CA GLY A 438 19.81 -15.08 2.47
C GLY A 438 20.21 -14.85 3.92
N SER A 439 20.12 -13.61 4.38
CA SER A 439 20.43 -13.27 5.78
C SER A 439 19.44 -13.90 6.76
N ILE A 440 18.19 -14.02 6.35
CA ILE A 440 17.17 -14.69 7.15
C ILE A 440 16.79 -16.01 6.50
N THR A 441 17.00 -17.12 7.21
CA THR A 441 16.62 -18.44 6.73
C THR A 441 15.22 -18.80 7.24
N LYS A 442 14.66 -19.90 6.72
CA LYS A 442 13.34 -20.36 7.14
C LYS A 442 13.27 -20.72 8.63
N GLU A 443 14.43 -20.99 9.22
CA GLU A 443 14.50 -21.26 10.66
C GLU A 443 14.23 -20.00 11.47
N ASN A 444 14.51 -18.84 10.86
CA ASN A 444 14.43 -17.57 11.58
C ASN A 444 13.42 -16.57 11.00
N TYR A 445 12.63 -16.99 10.00
CA TYR A 445 11.60 -16.14 9.39
C TYR A 445 10.81 -15.34 10.43
N ASN A 446 10.16 -16.06 11.33
CA ASN A 446 9.21 -15.44 12.25
C ASN A 446 9.90 -14.63 13.35
N GLN A 447 11.00 -15.16 13.88
CA GLN A 447 11.76 -14.49 14.92
C GLN A 447 12.31 -13.13 14.44
N GLU A 448 12.80 -13.09 13.21
CA GLU A 448 13.33 -11.85 12.65
C GLU A 448 12.23 -10.85 12.28
N TRP A 449 11.05 -11.37 11.91
CA TRP A 449 9.87 -10.54 11.70
C TRP A 449 9.54 -9.78 12.99
N TRP A 450 9.53 -10.49 14.11
CA TRP A 450 9.21 -9.87 15.40
C TRP A 450 10.30 -8.95 15.97
N SER A 451 11.55 -9.25 15.65
CA SER A 451 12.66 -8.34 15.98
C SER A 451 12.42 -6.98 15.34
N LEU A 452 11.94 -6.98 14.09
CA LEU A 452 11.69 -5.74 13.36
C LEU A 452 10.41 -5.04 13.82
N ARG A 453 9.40 -5.83 14.14
CA ARG A 453 8.16 -5.29 14.72
C ARG A 453 8.46 -4.55 16.03
N LEU A 454 9.38 -5.10 16.81
CA LEU A 454 9.85 -4.46 18.03
C LEU A 454 10.71 -3.23 17.73
N LYS A 455 11.75 -3.43 16.91
CA LYS A 455 12.72 -2.38 16.60
C LYS A 455 12.06 -1.14 15.99
N TYR A 456 11.17 -1.36 15.03
CA TYR A 456 10.59 -0.25 14.28
C TYR A 456 9.26 0.27 14.82
N GLN A 457 8.33 -0.63 15.10
CA GLN A 457 6.99 -0.24 15.55
C GLN A 457 6.83 -0.19 17.07
N GLY A 458 7.73 -0.85 17.79
CA GLY A 458 7.60 -0.96 19.24
C GLY A 458 6.41 -1.79 19.67
N LEU A 459 6.24 -2.93 19.01
CA LEU A 459 5.15 -3.85 19.33
C LEU A 459 5.72 -5.18 19.80
N CYS A 460 4.90 -5.91 20.56
CA CYS A 460 5.19 -7.28 20.95
C CYS A 460 3.97 -8.15 20.64
N PRO A 461 4.20 -9.45 20.38
CA PRO A 461 3.04 -10.31 20.21
C PRO A 461 2.36 -10.55 21.56
N PRO A 462 1.02 -10.58 21.60
CA PRO A 462 0.31 -10.85 22.86
C PRO A 462 0.49 -12.30 23.32
N VAL A 463 0.72 -13.19 22.36
CA VAL A 463 0.93 -14.60 22.64
C VAL A 463 2.27 -15.02 22.04
N PRO A 464 3.13 -15.67 22.86
CA PRO A 464 4.44 -16.08 22.36
C PRO A 464 4.31 -16.94 21.11
N ARG A 465 5.15 -16.67 20.12
CA ARG A 465 5.06 -17.40 18.85
C ARG A 465 5.70 -18.77 19.03
N THR A 466 5.22 -19.75 18.26
CA THR A 466 5.71 -21.13 18.34
C THR A 466 6.31 -21.58 17.01
N GLN A 467 7.00 -22.72 17.02
CA GLN A 467 7.47 -23.34 15.79
C GLN A 467 6.29 -23.57 14.86
N GLY A 468 6.46 -23.23 13.58
CA GLY A 468 5.38 -23.40 12.61
C GLY A 468 4.65 -22.10 12.31
N ASP A 469 4.79 -21.11 13.21
CA ASP A 469 4.20 -19.79 12.98
C ASP A 469 4.94 -19.09 11.85
N PHE A 470 4.16 -18.41 11.02
CA PHE A 470 4.69 -17.60 9.92
C PHE A 470 3.77 -16.39 9.78
N ASP A 471 3.91 -15.47 10.74
CA ASP A 471 3.05 -14.28 10.81
C ASP A 471 3.14 -13.35 9.59
N PRO A 472 4.31 -13.25 8.91
CA PRO A 472 4.33 -12.51 7.64
C PRO A 472 3.33 -13.03 6.61
N GLY A 473 3.12 -14.35 6.59
CA GLY A 473 2.14 -14.97 5.70
C GLY A 473 0.71 -14.47 5.89
N ALA A 474 0.43 -13.90 7.05
CA ALA A 474 -0.91 -13.40 7.38
C ALA A 474 -1.14 -11.96 6.90
N LYS A 475 -0.17 -11.41 6.17
CA LYS A 475 -0.31 -10.11 5.54
C LYS A 475 -0.37 -10.29 4.02
N PHE A 476 -1.45 -9.79 3.41
CA PHE A 476 -1.74 -10.00 1.96
C PHE A 476 -0.53 -9.96 1.03
N HIS A 477 0.30 -8.91 1.17
CA HIS A 477 1.37 -8.63 0.21
C HIS A 477 2.51 -9.65 0.22
N ILE A 478 2.57 -10.45 1.28
CA ILE A 478 3.60 -11.49 1.42
C ILE A 478 3.28 -12.72 0.55
N PRO A 479 2.13 -13.39 0.78
CA PRO A 479 1.80 -14.47 -0.18
C PRO A 479 1.55 -13.99 -1.61
N SER A 480 1.10 -12.75 -1.77
CA SER A 480 0.82 -12.20 -3.11
C SER A 480 2.04 -11.67 -3.85
N SER A 481 3.20 -11.69 -3.18
CA SER A 481 4.46 -11.21 -3.76
C SER A 481 4.32 -9.79 -4.35
N VAL A 482 3.75 -8.89 -3.56
CA VAL A 482 3.63 -7.49 -3.94
C VAL A 482 4.62 -6.69 -3.08
N PRO A 483 5.58 -6.00 -3.72
CA PRO A 483 6.56 -5.17 -3.03
C PRO A 483 5.87 -4.10 -2.17
N TYR A 484 6.44 -3.79 -1.01
CA TYR A 484 5.76 -2.94 -0.05
C TYR A 484 6.39 -1.57 0.19
N ILE A 485 7.68 -1.44 -0.11
CA ILE A 485 8.40 -0.18 0.15
C ILE A 485 7.76 1.04 -0.53
N LYS A 486 7.03 0.79 -1.62
CA LYS A 486 6.30 1.85 -2.34
C LYS A 486 5.30 2.60 -1.45
N TYR A 487 4.73 1.90 -0.47
CA TYR A 487 3.77 2.51 0.45
C TYR A 487 4.47 3.47 1.42
N PHE A 488 5.68 3.13 1.83
CA PHE A 488 6.51 4.01 2.66
C PHE A 488 6.90 5.28 1.91
N VAL A 489 7.38 5.12 0.67
CA VAL A 489 7.71 6.23 -0.21
C VAL A 489 6.47 7.10 -0.41
N SER A 490 5.36 6.45 -0.76
CA SER A 490 4.07 7.13 -0.96
C SER A 490 3.70 8.05 0.19
N PHE A 491 3.84 7.58 1.42
CA PHE A 491 3.41 8.35 2.60
C PHE A 491 4.27 9.56 2.89
N ILE A 492 5.57 9.45 2.61
CA ILE A 492 6.47 10.61 2.65
C ILE A 492 6.13 11.61 1.55
N ILE A 493 6.13 11.14 0.31
CA ILE A 493 6.01 12.02 -0.85
C ILE A 493 4.62 12.64 -1.04
N GLN A 494 3.58 11.97 -0.56
CA GLN A 494 2.22 12.51 -0.69
C GLN A 494 2.03 13.83 0.08
N PHE A 495 2.77 13.98 1.18
CA PHE A 495 2.76 15.22 1.94
C PHE A 495 3.58 16.31 1.23
N GLN A 496 4.65 15.91 0.55
CA GLN A 496 5.39 16.82 -0.32
C GLN A 496 4.51 17.34 -1.45
N PHE A 497 3.69 16.44 -2.02
CA PHE A 497 2.80 16.82 -3.11
C PHE A 497 1.69 17.73 -2.59
N HIS A 498 1.11 17.36 -1.45
CA HIS A 498 0.10 18.18 -0.79
C HIS A 498 0.61 19.59 -0.55
N GLU A 499 1.81 19.70 0.02
CA GLU A 499 2.45 21.00 0.28
C GLU A 499 2.64 21.83 -1.00
N ALA A 500 3.18 21.20 -2.04
CA ALA A 500 3.45 21.87 -3.32
C ALA A 500 2.17 22.34 -4.03
N LEU A 501 1.14 21.49 -4.03
CA LEU A 501 -0.14 21.81 -4.67
C LEU A 501 -0.89 22.89 -3.91
N CYS A 502 -0.77 22.87 -2.58
CA CYS A 502 -1.36 23.90 -1.73
C CYS A 502 -0.73 25.27 -1.96
N GLN A 503 0.59 25.30 -2.13
CA GLN A 503 1.31 26.53 -2.51
C GLN A 503 0.83 27.02 -3.87
N ALA A 504 0.70 26.09 -4.82
CA ALA A 504 0.23 26.39 -6.16
C ALA A 504 -1.21 26.91 -6.17
N ALA A 505 -2.01 26.45 -5.20
CA ALA A 505 -3.41 26.87 -5.07
C ALA A 505 -3.57 28.19 -4.28
N GLY A 506 -2.46 28.74 -3.80
CA GLY A 506 -2.47 30.00 -3.06
C GLY A 506 -2.90 29.91 -1.61
N HIS A 507 -2.85 28.69 -1.06
CA HIS A 507 -3.20 28.48 0.35
C HIS A 507 -2.16 29.09 1.28
N THR A 508 -2.64 29.74 2.33
CA THR A 508 -1.79 30.30 3.37
C THR A 508 -2.26 29.81 4.74
N GLY A 509 -1.38 29.85 5.72
CA GLY A 509 -1.68 29.33 7.04
C GLY A 509 -1.29 27.87 7.15
N PRO A 510 -1.75 27.18 8.21
CA PRO A 510 -1.36 25.80 8.50
C PRO A 510 -1.62 24.85 7.34
N LEU A 511 -0.60 24.06 6.98
CA LEU A 511 -0.71 23.10 5.88
C LEU A 511 -1.89 22.14 6.01
N HIS A 512 -2.15 21.67 7.24
CA HIS A 512 -3.24 20.72 7.47
C HIS A 512 -4.64 21.29 7.23
N LYS A 513 -4.75 22.62 7.14
CA LYS A 513 -6.02 23.29 6.86
C LYS A 513 -6.32 23.38 5.36
N CYS A 514 -5.36 22.96 4.55
CA CYS A 514 -5.47 23.10 3.09
C CYS A 514 -6.44 22.11 2.43
N ASP A 515 -7.25 22.66 1.53
CA ASP A 515 -8.14 21.89 0.69
C ASP A 515 -7.95 22.40 -0.74
N ILE A 516 -7.46 21.54 -1.62
CA ILE A 516 -7.12 21.94 -3.00
C ILE A 516 -8.27 21.80 -4.01
N TYR A 517 -9.47 21.46 -3.54
CA TYR A 517 -10.63 21.29 -4.42
C TYR A 517 -10.79 22.44 -5.41
N GLN A 518 -11.05 22.09 -6.67
CA GLN A 518 -11.23 23.04 -7.80
C GLN A 518 -9.99 23.81 -8.24
N SER A 519 -8.82 23.47 -7.72
CA SER A 519 -7.59 24.16 -8.09
C SER A 519 -6.99 23.64 -9.40
N LYS A 520 -7.10 24.46 -10.44
CA LYS A 520 -6.58 24.10 -11.76
C LYS A 520 -5.06 24.12 -11.78
N GLU A 521 -4.48 25.01 -10.97
CA GLU A 521 -3.02 25.11 -10.82
C GLU A 521 -2.45 23.83 -10.19
N ALA A 522 -3.19 23.28 -9.21
CA ALA A 522 -2.81 22.02 -8.58
C ALA A 522 -2.91 20.85 -9.56
N GLY A 523 -4.02 20.76 -10.27
CA GLY A 523 -4.24 19.71 -11.26
C GLY A 523 -3.18 19.68 -12.35
N GLN A 524 -2.72 20.86 -12.76
CA GLN A 524 -1.74 20.98 -13.84
C GLN A 524 -0.36 20.40 -13.47
N ARG A 525 0.05 20.61 -12.22
CA ARG A 525 1.34 20.07 -11.75
C ARG A 525 1.35 18.54 -11.70
N LEU A 526 0.24 17.96 -11.27
CA LEU A 526 0.08 16.51 -11.25
C LEU A 526 0.03 15.94 -12.67
N ALA A 527 -0.77 16.58 -13.53
CA ALA A 527 -0.93 16.14 -14.92
C ALA A 527 0.39 16.07 -15.68
N THR A 528 1.21 17.11 -15.55
CA THR A 528 2.49 17.18 -16.26
C THR A 528 3.45 16.09 -15.78
N ALA A 529 3.45 15.81 -14.48
CA ALA A 529 4.28 14.74 -13.91
C ALA A 529 3.78 13.36 -14.31
N MET A 530 2.46 13.16 -14.22
CA MET A 530 1.84 11.87 -14.52
C MET A 530 2.00 11.45 -15.99
N LYS A 531 1.95 12.42 -16.90
CA LYS A 531 2.16 12.16 -18.33
C LYS A 531 3.55 11.62 -18.66
N LEU A 532 4.52 11.89 -17.79
CA LEU A 532 5.89 11.40 -17.99
C LEU A 532 5.98 9.88 -17.91
N GLY A 533 5.01 9.27 -17.23
CA GLY A 533 5.03 7.84 -16.98
C GLY A 533 6.37 7.41 -16.40
N PHE A 534 6.99 6.42 -17.04
CA PHE A 534 8.29 5.89 -16.64
C PHE A 534 9.39 6.36 -17.61
N SER A 535 9.09 7.40 -18.39
CA SER A 535 9.99 7.85 -19.46
C SER A 535 11.25 8.58 -18.98
N ARG A 536 11.21 9.09 -17.75
CA ARG A 536 12.31 9.88 -17.19
C ARG A 536 12.64 9.43 -15.77
N PRO A 537 13.89 9.64 -15.31
CA PRO A 537 14.23 9.33 -13.91
C PRO A 537 13.30 10.07 -12.95
N TRP A 538 12.81 9.38 -11.90
CA TRP A 538 11.75 9.93 -11.04
C TRP A 538 11.98 11.35 -10.48
N PRO A 539 13.24 11.74 -10.19
CA PRO A 539 13.47 13.11 -9.70
C PRO A 539 12.93 14.21 -10.61
N GLU A 540 12.77 13.90 -11.89
CA GLU A 540 12.19 14.84 -12.86
C GLU A 540 10.70 15.09 -12.57
N ALA A 541 9.96 14.02 -12.29
CA ALA A 541 8.55 14.16 -11.92
C ALA A 541 8.41 14.88 -10.57
N MET A 542 9.29 14.55 -9.63
CA MET A 542 9.35 15.22 -8.33
C MET A 542 9.58 16.72 -8.47
N GLN A 543 10.48 17.10 -9.38
N GLN A 543 10.46 17.10 -9.38
CA GLN A 543 10.80 18.51 -9.61
CA GLN A 543 10.80 18.50 -9.62
C GLN A 543 9.65 19.26 -10.29
C GLN A 543 9.65 19.25 -10.29
N LEU A 544 8.91 18.56 -11.15
CA LEU A 544 7.71 19.13 -11.79
C LEU A 544 6.61 19.46 -10.78
N ILE A 545 6.46 18.61 -9.78
CA ILE A 545 5.42 18.79 -8.75
C ILE A 545 5.85 19.78 -7.67
N THR A 546 7.06 19.59 -7.13
CA THR A 546 7.47 20.28 -5.91
C THR A 546 8.52 21.39 -6.10
N GLY A 547 9.05 21.52 -7.31
CA GLY A 547 10.08 22.52 -7.59
C GLY A 547 11.46 22.15 -7.08
N GLN A 548 11.62 20.89 -6.68
CA GLN A 548 12.90 20.36 -6.19
C GLN A 548 12.93 18.84 -6.42
N PRO A 549 14.13 18.21 -6.43
CA PRO A 549 14.22 16.83 -6.90
C PRO A 549 14.24 15.72 -5.84
N ASN A 550 14.34 16.08 -4.56
CA ASN A 550 14.51 15.12 -3.47
C ASN A 550 13.22 14.61 -2.83
N MET A 551 13.31 13.40 -2.27
CA MET A 551 12.34 12.95 -1.27
C MET A 551 12.67 13.66 0.04
N SER A 552 11.65 14.11 0.75
CA SER A 552 11.85 14.85 1.99
C SER A 552 10.68 14.68 2.95
N ALA A 553 11.00 14.47 4.23
CA ALA A 553 9.99 14.34 5.27
C ALA A 553 9.54 15.70 5.85
N SER A 554 10.16 16.79 5.42
CA SER A 554 9.88 18.11 6.00
C SER A 554 8.41 18.53 5.85
N ALA A 555 7.80 18.21 4.71
CA ALA A 555 6.37 18.49 4.49
C ALA A 555 5.46 17.76 5.48
N MET A 556 5.73 16.47 5.70
CA MET A 556 4.97 15.68 6.67
C MET A 556 5.15 16.21 8.09
N LEU A 557 6.37 16.61 8.43
CA LEU A 557 6.66 17.23 9.73
C LEU A 557 5.91 18.54 9.90
N SER A 558 5.89 19.36 8.85
CA SER A 558 5.18 20.65 8.84
C SER A 558 3.67 20.45 9.05
N TYR A 559 3.10 19.48 8.33
CA TYR A 559 1.69 19.12 8.46
C TYR A 559 1.33 18.80 9.91
N PHE A 560 2.17 18.01 10.56
CA PHE A 560 1.88 17.50 11.90
C PHE A 560 2.50 18.31 13.05
N LYS A 561 3.23 19.36 12.71
CA LYS A 561 3.92 20.20 13.71
C LYS A 561 3.07 20.60 14.94
N PRO A 562 1.85 21.11 14.73
CA PRO A 562 1.02 21.43 15.90
C PRO A 562 0.71 20.21 16.78
N LEU A 563 0.59 19.03 16.18
CA LEU A 563 0.34 17.83 16.97
C LEU A 563 1.60 17.37 17.72
N LEU A 564 2.77 17.55 17.11
CA LEU A 564 4.04 17.23 17.77
C LEU A 564 4.22 18.05 19.05
N ASP A 565 3.92 19.35 18.96
CA ASP A 565 3.98 20.26 20.11
C ASP A 565 3.05 19.80 21.21
N TRP A 566 1.80 19.50 20.83
CA TRP A 566 0.79 19.02 21.78
C TRP A 566 1.21 17.71 22.45
N LEU A 567 1.68 16.75 21.66
CA LEU A 567 2.12 15.45 22.16
C LEU A 567 3.29 15.56 23.13
N ARG A 568 4.24 16.43 22.81
CA ARG A 568 5.40 16.65 23.69
C ARG A 568 4.99 17.22 25.04
N THR A 569 4.08 18.18 25.03
CA THR A 569 3.56 18.78 26.27
C THR A 569 2.79 17.73 27.07
N GLU A 570 1.89 17.02 26.40
CA GLU A 570 1.09 15.97 27.04
C GLU A 570 1.94 14.84 27.62
N ASN A 571 2.90 14.35 26.83
CA ASN A 571 3.78 13.26 27.27
C ASN A 571 4.72 13.67 28.40
N GLU A 572 5.25 14.89 28.33
CA GLU A 572 6.12 15.43 29.38
C GLU A 572 5.35 15.61 30.68
N LEU A 573 4.09 16.04 30.56
CA LEU A 573 3.20 16.23 31.70
C LEU A 573 3.08 14.96 32.54
N HIS A 574 2.99 13.82 31.84
CA HIS A 574 2.81 12.52 32.49
C HIS A 574 4.12 11.76 32.68
N GLY A 575 5.23 12.37 32.25
CA GLY A 575 6.55 11.77 32.38
C GLY A 575 6.75 10.46 31.64
N GLU A 576 6.28 10.41 30.39
CA GLU A 576 6.40 9.19 29.58
C GLU A 576 7.85 8.98 29.18
N LYS A 577 8.25 7.72 29.11
CA LYS A 577 9.51 7.36 28.46
C LYS A 577 9.23 7.26 26.97
N LEU A 578 9.96 8.02 26.17
CA LEU A 578 9.81 7.94 24.72
C LEU A 578 10.55 6.72 24.22
N GLY A 579 9.82 5.80 23.60
CA GLY A 579 10.37 4.54 23.17
C GLY A 579 10.01 3.40 24.10
N TRP A 580 10.74 2.30 23.99
CA TRP A 580 10.48 1.10 24.78
C TRP A 580 11.77 0.55 25.38
N PRO A 581 12.33 1.23 26.40
CA PRO A 581 13.57 0.78 27.02
C PRO A 581 13.48 -0.63 27.61
N GLN A 582 12.32 -0.99 28.15
CA GLN A 582 12.09 -2.37 28.59
C GLN A 582 11.63 -3.20 27.39
N TYR A 583 12.54 -3.37 26.44
CA TYR A 583 12.24 -3.95 25.12
C TYR A 583 11.98 -5.45 25.12
N ASN A 584 12.41 -6.13 26.18
CA ASN A 584 12.18 -7.57 26.31
C ASN A 584 10.82 -7.90 26.92
N TRP A 585 10.08 -6.89 27.38
CA TRP A 585 8.78 -7.12 28.01
C TRP A 585 7.79 -7.74 27.05
N THR A 586 7.14 -8.81 27.50
CA THR A 586 6.02 -9.44 26.81
C THR A 586 4.91 -9.66 27.83
N PRO A 587 3.64 -9.70 27.38
CA PRO A 587 2.53 -9.89 28.31
C PRO A 587 2.66 -11.14 29.19
N ASN A 588 2.45 -10.96 30.50
N ASN A 588 2.47 -10.96 30.51
CA ASN A 588 2.41 -12.09 31.42
CA ASN A 588 2.39 -12.07 31.44
C ASN A 588 1.05 -12.78 31.33
C ASN A 588 1.06 -12.79 31.28
N SER A 589 0.03 -11.98 31.02
CA SER A 589 -1.37 -12.41 30.91
C SER A 589 -1.92 -13.16 32.11
#